data_6L1H
#
_entry.id   6L1H
#
_cell.length_a   52.899
_cell.length_b   96.200
_cell.length_c   141.747
_cell.angle_alpha   90.000
_cell.angle_beta   90.000
_cell.angle_gamma   90.000
#
_symmetry.space_group_name_H-M   'P 21 21 21'
#
loop_
_entity.id
_entity.type
_entity.pdbx_description
1 polymer 'NADPH-protochlorophyllide oxidoreductase'
2 non-polymer 'NADPH DIHYDRO-NICOTINAMIDE-ADENINE-DINUCLEOTIDE PHOSPHATE'
3 water water
#
_entity_poly.entity_id   1
_entity_poly.type   'polypeptide(L)'
_entity_poly.pdbx_seq_one_letter_code
;MSDQPRPTVIITGASSGVGLYATKALANRGWHVIMACRNLEKAEQAAKNLQIPPEAYTILHLDLSSLASVRGFVESFRAL
NRPLRALVCNAAVYYPLLKEPIYSVDGYEITVATNHLGHFLLINLLLEDLKNSPESDKRLVILGTVTANRKELGGKIPIP
APPDLGNLEGFEKGFKKPIAMINGKPFKSGKAYKDSKLCNMLTARELHRRFHESTGIVFNSLYPGCVADTPLFRHHFPLF
QKLFPLFQKKITGGYVSQELAGERVAMVVADPEFRQSGVHWSWGNRQKEGRKAFVQELSAEASDEQKARRLWELSEKLVG
LALEHHHHHH
;
_entity_poly.pdbx_strand_id   A,B
#
# COMPACT_ATOMS: atom_id res chain seq x y z
N PRO A 5 10.96 0.13 27.39
CA PRO A 5 9.54 0.42 27.62
C PRO A 5 9.01 1.49 26.65
N ARG A 6 8.06 1.12 25.78
CA ARG A 6 7.47 2.00 24.77
C ARG A 6 6.17 2.64 25.26
N PRO A 7 6.02 3.97 25.16
CA PRO A 7 4.71 4.57 25.43
C PRO A 7 3.68 4.14 24.39
N THR A 8 2.45 3.96 24.83
CA THR A 8 1.40 3.39 24.00
C THR A 8 0.47 4.49 23.49
N VAL A 9 0.09 4.38 22.21
CA VAL A 9 -0.85 5.31 21.59
C VAL A 9 -1.82 4.52 20.73
N ILE A 10 -3.10 4.85 20.81
CA ILE A 10 -4.14 4.25 19.99
C ILE A 10 -4.44 5.20 18.84
N ILE A 11 -4.37 4.68 17.62
CA ILE A 11 -4.70 5.43 16.42
C ILE A 11 -5.80 4.68 15.69
N THR A 12 -6.95 5.31 15.53
CA THR A 12 -8.03 4.71 14.77
C THR A 12 -7.84 4.99 13.28
N GLY A 13 -8.22 4.03 12.45
CA GLY A 13 -8.07 4.15 11.02
C GLY A 13 -6.63 4.25 10.58
N ALA A 14 -5.79 3.36 11.09
CA ALA A 14 -4.36 3.38 10.83
C ALA A 14 -3.93 2.55 9.62
N SER A 15 -4.89 2.01 8.85
CA SER A 15 -4.53 1.10 7.75
C SER A 15 -4.15 1.83 6.47
N SER A 16 -4.37 3.13 6.38
CA SER A 16 -3.96 3.89 5.20
C SER A 16 -3.85 5.36 5.58
N GLY A 17 -3.40 6.16 4.63
CA GLY A 17 -3.44 7.61 4.74
C GLY A 17 -2.74 8.20 5.95
N VAL A 18 -3.36 9.23 6.51
CA VAL A 18 -2.78 9.98 7.64
C VAL A 18 -2.50 9.06 8.82
N GLY A 19 -3.43 8.17 9.11
CA GLY A 19 -3.25 7.27 10.24
C GLY A 19 -2.10 6.31 10.06
N LEU A 20 -1.90 5.82 8.83
CA LEU A 20 -0.80 4.90 8.57
C LEU A 20 0.54 5.60 8.75
N TYR A 21 0.70 6.77 8.13
CA TYR A 21 1.96 7.48 8.27
C TYR A 21 2.14 8.11 9.63
N ALA A 22 1.07 8.30 10.40
CA ALA A 22 1.23 8.69 11.79
C ALA A 22 1.75 7.51 12.61
N THR A 23 1.33 6.30 12.26
CA THR A 23 1.82 5.10 12.93
C THR A 23 3.33 4.95 12.71
N LYS A 24 3.77 5.16 11.47
CA LYS A 24 5.19 5.06 11.13
C LYS A 24 6.02 6.12 11.86
N ALA A 25 5.54 7.36 11.90
CA ALA A 25 6.28 8.43 12.57
C ALA A 25 6.35 8.21 14.08
N LEU A 26 5.26 7.76 14.70
CA LEU A 26 5.29 7.51 16.14
C LEU A 26 6.14 6.28 16.47
N ALA A 27 6.07 5.25 15.62
CA ALA A 27 6.90 4.07 15.83
C ALA A 27 8.37 4.41 15.75
N ASN A 28 8.75 5.28 14.81
CA ASN A 28 10.14 5.69 14.66
C ASN A 28 10.60 6.53 15.83
N ARG A 29 9.67 7.08 16.61
CA ARG A 29 9.97 7.85 17.81
C ARG A 29 9.99 7.00 19.07
N GLY A 30 9.77 5.70 18.98
CA GLY A 30 9.80 4.84 20.13
C GLY A 30 8.47 4.57 20.79
N TRP A 31 7.36 4.98 20.16
CA TRP A 31 6.05 4.64 20.69
C TRP A 31 5.64 3.24 20.24
N HIS A 32 4.71 2.65 20.97
CA HIS A 32 4.02 1.45 20.54
C HIS A 32 2.62 1.83 20.10
N VAL A 33 2.27 1.51 18.87
CA VAL A 33 1.04 1.99 18.24
C VAL A 33 0.00 0.88 18.25
N ILE A 34 -1.17 1.17 18.80
CA ILE A 34 -2.33 0.31 18.66
C ILE A 34 -3.02 0.73 17.36
N MET A 35 -2.85 -0.08 16.32
CA MET A 35 -3.55 0.20 15.06
C MET A 35 -4.95 -0.38 15.19
N ALA A 36 -5.91 0.51 15.48
CA ALA A 36 -7.30 0.11 15.67
C ALA A 36 -7.99 0.24 14.32
N CYS A 37 -8.23 -0.90 13.66
CA CYS A 37 -8.73 -0.90 12.29
C CYS A 37 -9.82 -1.96 12.16
N ARG A 38 -10.70 -1.75 11.19
CA ARG A 38 -11.77 -2.70 10.89
C ARG A 38 -11.37 -3.77 9.88
N ASN A 39 -10.29 -3.56 9.14
CA ASN A 39 -9.83 -4.48 8.10
C ASN A 39 -8.43 -4.95 8.49
N LEU A 40 -8.38 -6.08 9.21
CA LEU A 40 -7.12 -6.54 9.78
C LEU A 40 -6.08 -6.88 8.70
N GLU A 41 -6.50 -7.55 7.64
CA GLU A 41 -5.55 -7.90 6.59
C GLU A 41 -5.02 -6.65 5.89
N LYS A 42 -5.90 -5.70 5.58
CA LYS A 42 -5.48 -4.46 4.94
C LYS A 42 -4.48 -3.70 5.82
N ALA A 43 -4.69 -3.70 7.13
CA ALA A 43 -3.78 -3.01 8.03
C ALA A 43 -2.42 -3.71 8.10
N GLU A 44 -2.41 -5.04 8.20
CA GLU A 44 -1.15 -5.77 8.26
C GLU A 44 -0.36 -5.63 6.97
N GLN A 45 -1.02 -5.73 5.82
CA GLN A 45 -0.31 -5.49 4.56
C GLN A 45 0.25 -4.07 4.47
N ALA A 46 -0.46 -3.08 5.03
CA ALA A 46 0.04 -1.71 4.94
C ALA A 46 1.28 -1.50 5.79
N ALA A 47 1.32 -2.07 7.00
CA ALA A 47 2.48 -1.90 7.86
C ALA A 47 3.72 -2.61 7.31
N LYS A 48 3.54 -3.82 6.75
CA LYS A 48 4.69 -4.54 6.19
C LYS A 48 5.23 -3.86 4.94
N ASN A 49 4.35 -3.29 4.10
CA ASN A 49 4.83 -2.56 2.92
C ASN A 49 5.69 -1.38 3.33
N LEU A 50 5.43 -0.79 4.49
CA LEU A 50 6.22 0.32 4.98
C LEU A 50 7.35 -0.15 5.91
N GLN A 51 7.43 -1.47 6.17
CA GLN A 51 8.47 -2.03 7.03
C GLN A 51 8.49 -1.35 8.41
N ILE A 52 7.30 -1.04 8.91
CA ILE A 52 7.19 -0.56 10.28
C ILE A 52 7.60 -1.70 11.21
N PRO A 53 8.55 -1.48 12.11
CA PRO A 53 9.04 -2.58 12.96
C PRO A 53 7.89 -3.25 13.69
N PRO A 54 7.73 -4.57 13.53
CA PRO A 54 6.58 -5.25 14.13
C PRO A 54 6.52 -5.13 15.64
N GLU A 55 7.65 -4.91 16.31
CA GLU A 55 7.59 -4.74 17.76
C GLU A 55 7.08 -3.35 18.16
N ALA A 56 6.85 -2.46 17.21
CA ALA A 56 6.36 -1.12 17.48
C ALA A 56 4.85 -0.98 17.32
N TYR A 57 4.14 -2.02 16.86
CA TYR A 57 2.71 -1.90 16.68
C TYR A 57 2.00 -3.21 16.98
N THR A 58 0.71 -3.10 17.29
CA THR A 58 -0.19 -4.23 17.43
C THR A 58 -1.54 -3.82 16.84
N ILE A 59 -2.18 -4.74 16.12
CA ILE A 59 -3.39 -4.44 15.38
C ILE A 59 -4.58 -5.08 16.08
N LEU A 60 -5.60 -4.27 16.39
CA LEU A 60 -6.83 -4.75 17.00
C LEU A 60 -8.02 -4.33 16.14
N HIS A 61 -9.04 -5.18 16.12
CA HIS A 61 -10.23 -4.87 15.33
C HIS A 61 -11.06 -3.78 15.99
N LEU A 62 -11.50 -2.82 15.19
CA LEU A 62 -12.38 -1.75 15.64
C LEU A 62 -13.22 -1.30 14.46
N ASP A 63 -14.53 -1.46 14.58
CA ASP A 63 -15.48 -0.93 13.61
C ASP A 63 -16.22 0.21 14.29
N LEU A 64 -15.88 1.44 13.93
CA LEU A 64 -16.49 2.61 14.57
C LEU A 64 -17.97 2.76 14.22
N SER A 65 -18.44 2.07 13.18
CA SER A 65 -19.85 2.08 12.84
C SER A 65 -20.68 1.12 13.69
N SER A 66 -20.04 0.35 14.57
CA SER A 66 -20.75 -0.55 15.49
C SER A 66 -20.38 -0.17 16.92
N LEU A 67 -21.36 0.34 17.67
CA LEU A 67 -21.06 0.71 19.06
C LEU A 67 -20.67 -0.50 19.89
N ALA A 68 -21.21 -1.68 19.55
CA ALA A 68 -20.77 -2.91 20.22
C ALA A 68 -19.32 -3.23 19.87
N SER A 69 -18.90 -2.92 18.64
CA SER A 69 -17.50 -3.14 18.26
C SER A 69 -16.57 -2.17 18.99
N VAL A 70 -17.00 -0.92 19.16
CA VAL A 70 -16.23 0.03 19.96
C VAL A 70 -16.03 -0.51 21.36
N ARG A 71 -17.12 -0.92 22.03
CA ARG A 71 -16.98 -1.48 23.37
C ARG A 71 -16.11 -2.73 23.36
N GLY A 72 -16.20 -3.54 22.31
CA GLY A 72 -15.38 -4.74 22.24
C GLY A 72 -13.91 -4.43 22.10
N PHE A 73 -13.57 -3.43 21.28
CA PHE A 73 -12.18 -3.03 21.13
C PHE A 73 -11.60 -2.54 22.46
N VAL A 74 -12.38 -1.76 23.22
CA VAL A 74 -11.89 -1.27 24.50
C VAL A 74 -11.50 -2.43 25.41
N GLU A 75 -12.34 -3.46 25.47
CA GLU A 75 -11.97 -4.67 26.21
C GLU A 75 -10.72 -5.31 25.64
N SER A 76 -10.64 -5.42 24.30
CA SER A 76 -9.46 -6.01 23.68
C SER A 76 -8.19 -5.24 24.03
N PHE A 77 -8.27 -3.91 24.06
CA PHE A 77 -7.10 -3.12 24.40
C PHE A 77 -6.73 -3.28 25.87
N ARG A 78 -7.72 -3.22 26.76
CA ARG A 78 -7.46 -3.38 28.19
C ARG A 78 -6.81 -4.72 28.50
N ALA A 79 -7.15 -5.76 27.74
CA ALA A 79 -6.53 -7.07 27.93
C ALA A 79 -5.05 -7.07 27.56
N LEU A 80 -4.60 -6.04 26.85
CA LEU A 80 -3.17 -5.91 26.56
C LEU A 80 -2.36 -5.56 27.79
N ASN A 81 -3.00 -5.06 28.85
CA ASN A 81 -2.31 -4.63 30.08
C ASN A 81 -1.22 -3.62 29.75
N ARG A 82 -1.55 -2.66 28.88
CA ARG A 82 -0.64 -1.59 28.49
C ARG A 82 -1.20 -0.26 28.92
N PRO A 83 -0.47 0.54 29.70
CA PRO A 83 -0.97 1.87 30.05
C PRO A 83 -1.02 2.76 28.82
N LEU A 84 -2.10 3.51 28.70
CA LEU A 84 -2.37 4.35 27.54
C LEU A 84 -1.84 5.74 27.79
N ARG A 85 -1.00 6.25 26.87
CA ARG A 85 -0.54 7.63 26.95
C ARG A 85 -1.27 8.57 26.01
N ALA A 86 -1.75 8.07 24.88
CA ALA A 86 -2.37 8.96 23.91
C ALA A 86 -3.38 8.19 23.07
N LEU A 87 -4.38 8.91 22.60
CA LEU A 87 -5.41 8.40 21.70
C LEU A 87 -5.55 9.39 20.54
N VAL A 88 -5.46 8.88 19.31
CA VAL A 88 -5.64 9.69 18.11
C VAL A 88 -6.92 9.23 17.42
N CYS A 89 -7.91 10.13 17.38
CA CYS A 89 -9.16 9.87 16.66
C CYS A 89 -8.96 10.34 15.23
N ASN A 90 -8.53 9.42 14.37
CA ASN A 90 -8.15 9.73 13.00
C ASN A 90 -9.10 9.18 11.95
N ALA A 91 -9.75 8.03 12.19
CA ALA A 91 -10.55 7.39 11.15
C ALA A 91 -11.69 8.29 10.67
N ALA A 92 -12.11 8.08 9.42
CA ALA A 92 -13.24 8.82 8.85
C ALA A 92 -13.63 8.22 7.50
N VAL A 93 -14.88 8.49 7.11
CA VAL A 93 -15.43 8.16 5.79
C VAL A 93 -15.96 9.44 5.15
N TYR A 94 -15.79 9.55 3.84
CA TYR A 94 -16.24 10.70 3.07
C TYR A 94 -16.97 10.21 1.82
N TYR A 95 -18.27 10.51 1.74
CA TYR A 95 -19.08 10.24 0.54
C TYR A 95 -19.44 11.57 -0.10
N PRO A 96 -18.82 11.96 -1.21
CA PRO A 96 -19.21 13.23 -1.83
C PRO A 96 -20.48 13.16 -2.68
N LEU A 97 -20.80 11.98 -3.21
CA LEU A 97 -21.86 11.79 -4.21
C LEU A 97 -22.74 10.60 -3.89
N LEU A 98 -23.11 10.44 -2.64
CA LEU A 98 -23.95 9.34 -2.20
C LEU A 98 -25.39 9.83 -2.19
N LYS A 99 -26.25 9.18 -2.98
CA LYS A 99 -27.60 9.70 -3.17
C LYS A 99 -28.47 9.46 -1.94
N GLU A 100 -28.49 8.23 -1.44
CA GLU A 100 -29.30 7.82 -0.30
C GLU A 100 -28.42 7.46 0.90
N PRO A 101 -28.84 7.84 2.11
CA PRO A 101 -27.99 7.58 3.28
C PRO A 101 -27.92 6.11 3.64
N ILE A 102 -26.74 5.71 4.16
CA ILE A 102 -26.50 4.38 4.70
C ILE A 102 -26.57 4.47 6.22
N TYR A 103 -27.18 3.48 6.85
CA TYR A 103 -27.39 3.48 8.29
C TYR A 103 -26.57 2.36 8.92
N SER A 104 -25.86 2.70 9.99
CA SER A 104 -25.03 1.74 10.71
C SER A 104 -25.91 0.69 11.39
N VAL A 105 -25.26 -0.33 11.95
CA VAL A 105 -25.99 -1.38 12.66
C VAL A 105 -26.80 -0.78 13.79
N ASP A 106 -26.33 0.32 14.37
CA ASP A 106 -27.03 0.96 15.48
C ASP A 106 -28.11 1.92 15.02
N GLY A 107 -28.26 2.11 13.72
CA GLY A 107 -29.35 2.88 13.16
C GLY A 107 -29.03 4.30 12.79
N TYR A 108 -27.75 4.68 12.70
CA TYR A 108 -27.36 6.06 12.50
C TYR A 108 -26.71 6.24 11.13
N GLU A 109 -26.94 7.40 10.53
CA GLU A 109 -26.33 7.73 9.25
C GLU A 109 -24.82 7.52 9.33
N ILE A 110 -24.29 6.80 8.35
CA ILE A 110 -22.99 6.14 8.48
C ILE A 110 -21.85 7.14 8.64
N THR A 111 -21.92 8.32 8.00
CA THR A 111 -20.82 9.27 8.10
C THR A 111 -20.71 9.84 9.51
N VAL A 112 -21.80 10.37 10.05
CA VAL A 112 -21.80 10.86 11.43
C VAL A 112 -21.55 9.72 12.40
N ALA A 113 -22.13 8.54 12.12
CA ALA A 113 -21.96 7.40 13.02
C ALA A 113 -20.50 6.99 13.13
N THR A 114 -19.79 6.96 12.00
CA THR A 114 -18.40 6.56 11.99
C THR A 114 -17.50 7.68 12.46
N ASN A 115 -17.65 8.87 11.87
CA ASN A 115 -16.71 9.96 12.12
C ASN A 115 -16.88 10.55 13.52
N HIS A 116 -18.13 10.73 13.99
CA HIS A 116 -18.36 11.36 15.28
C HIS A 116 -18.81 10.38 16.36
N LEU A 117 -19.92 9.68 16.14
CA LEU A 117 -20.57 8.92 17.21
C LEU A 117 -19.71 7.76 17.71
N GLY A 118 -19.14 6.97 16.80
CA GLY A 118 -18.24 5.91 17.23
C GLY A 118 -17.04 6.45 18.00
N HIS A 119 -16.45 7.54 17.50
CA HIS A 119 -15.34 8.15 18.22
C HIS A 119 -15.79 8.71 19.56
N PHE A 120 -17.02 9.23 19.63
CA PHE A 120 -17.50 9.80 20.89
C PHE A 120 -17.60 8.74 21.98
N LEU A 121 -18.12 7.56 21.63
CA LEU A 121 -18.14 6.47 22.60
C LEU A 121 -16.74 6.00 22.95
N LEU A 122 -15.87 5.86 21.95
CA LEU A 122 -14.50 5.40 22.20
C LEU A 122 -13.79 6.35 23.16
N ILE A 123 -13.97 7.66 22.94
CA ILE A 123 -13.33 8.67 23.78
C ILE A 123 -13.79 8.54 25.23
N ASN A 124 -15.09 8.38 25.43
CA ASN A 124 -15.63 8.35 26.80
C ASN A 124 -15.18 7.10 27.54
N LEU A 125 -15.07 5.97 26.84
CA LEU A 125 -14.61 4.74 27.48
C LEU A 125 -13.11 4.81 27.77
N LEU A 126 -12.32 5.26 26.79
CA LEU A 126 -10.88 5.31 26.96
C LEU A 126 -10.42 6.43 27.88
N LEU A 127 -11.30 7.39 28.18
CA LEU A 127 -10.95 8.42 29.14
C LEU A 127 -10.55 7.82 30.49
N GLU A 128 -11.20 6.73 30.90
CA GLU A 128 -10.79 6.05 32.12
C GLU A 128 -9.35 5.58 32.03
N ASP A 129 -8.97 4.99 30.89
CA ASP A 129 -7.61 4.46 30.73
C ASP A 129 -6.59 5.59 30.71
N LEU A 130 -6.93 6.72 30.09
CA LEU A 130 -6.02 7.87 30.11
C LEU A 130 -5.89 8.43 31.52
N LYS A 131 -6.99 8.51 32.26
CA LYS A 131 -6.93 8.98 33.65
C LYS A 131 -5.99 8.10 34.48
N ASN A 132 -6.14 6.78 34.38
CA ASN A 132 -5.40 5.87 35.25
C ASN A 132 -3.93 5.72 34.87
N SER A 133 -3.51 6.20 33.70
CA SER A 133 -2.13 6.03 33.30
C SER A 133 -1.21 6.91 34.15
N PRO A 134 -0.07 6.40 34.60
CA PRO A 134 0.87 7.22 35.37
C PRO A 134 1.64 8.22 34.53
N GLU A 135 1.54 8.20 33.21
CA GLU A 135 2.33 9.14 32.42
C GLU A 135 1.85 10.57 32.67
N SER A 136 2.79 11.51 32.62
CA SER A 136 2.45 12.90 32.89
C SER A 136 2.10 13.71 31.66
N ASP A 137 2.45 13.23 30.46
CA ASP A 137 2.21 13.95 29.21
C ASP A 137 1.27 13.11 28.34
N LYS A 138 0.01 13.05 28.75
CA LYS A 138 -1.03 12.30 28.06
C LYS A 138 -1.87 13.22 27.18
N ARG A 139 -2.22 12.75 25.98
CA ARG A 139 -2.91 13.60 25.01
C ARG A 139 -4.00 12.83 24.29
N LEU A 140 -5.09 13.54 23.99
CA LEU A 140 -6.17 13.04 23.14
C LEU A 140 -6.25 13.98 21.95
N VAL A 141 -5.94 13.46 20.78
CA VAL A 141 -5.78 14.25 19.57
C VAL A 141 -6.86 13.87 18.58
N ILE A 142 -7.56 14.86 18.05
CA ILE A 142 -8.64 14.66 17.11
C ILE A 142 -8.28 15.33 15.79
N LEU A 143 -8.51 14.61 14.69
CA LEU A 143 -8.29 15.14 13.35
C LEU A 143 -9.48 16.01 12.96
N GLY A 144 -9.22 17.27 12.64
CA GLY A 144 -10.27 18.22 12.36
C GLY A 144 -10.24 18.76 10.94
N THR A 145 -10.75 19.97 10.75
CA THR A 145 -10.83 20.63 9.46
C THR A 145 -10.09 21.96 9.54
N VAL A 146 -10.20 22.75 8.48
CA VAL A 146 -9.45 24.00 8.36
C VAL A 146 -9.69 24.98 9.51
N ALA A 161 -20.79 23.00 0.09
CA ALA A 161 -21.80 22.98 1.14
C ALA A 161 -21.17 23.18 2.52
N PRO A 162 -21.28 24.39 3.05
CA PRO A 162 -20.69 24.69 4.36
C PRO A 162 -21.36 23.87 5.46
N PRO A 163 -20.60 23.47 6.48
CA PRO A 163 -21.19 22.65 7.55
C PRO A 163 -22.12 23.47 8.43
N ASP A 164 -23.30 22.92 8.72
CA ASP A 164 -24.28 23.60 9.54
C ASP A 164 -25.05 22.56 10.34
N LEU A 165 -24.91 22.62 11.66
CA LEU A 165 -25.62 21.71 12.55
C LEU A 165 -27.00 22.23 12.91
N GLY A 166 -27.41 23.37 12.37
CA GLY A 166 -28.70 23.94 12.72
C GLY A 166 -28.82 24.10 14.22
N ASN A 167 -29.92 23.60 14.76
CA ASN A 167 -30.16 23.47 16.19
C ASN A 167 -30.06 22.03 16.67
N LEU A 168 -29.30 21.20 15.96
CA LEU A 168 -29.14 19.78 16.31
C LEU A 168 -30.47 19.04 16.28
N GLU A 169 -31.41 19.50 15.43
CA GLU A 169 -32.75 18.92 15.41
C GLU A 169 -32.72 17.43 15.13
N GLY A 170 -31.86 17.01 14.20
CA GLY A 170 -31.75 15.58 13.90
C GLY A 170 -31.31 14.77 15.11
N PHE A 171 -30.33 15.28 15.84
CA PHE A 171 -29.92 14.61 17.09
C PHE A 171 -30.99 14.76 18.16
N GLU A 172 -31.62 15.92 18.21
CA GLU A 172 -32.66 16.16 19.20
C GLU A 172 -33.82 15.17 19.04
N LYS A 173 -34.04 14.68 17.83
CA LYS A 173 -35.17 13.79 17.54
C LYS A 173 -34.76 12.32 17.45
N GLY A 174 -33.54 11.97 17.86
CA GLY A 174 -33.13 10.58 17.96
C GLY A 174 -32.26 10.08 16.82
N PHE A 175 -32.13 10.85 15.74
CA PHE A 175 -31.19 10.58 14.64
C PHE A 175 -31.41 9.20 14.00
N LYS A 176 -32.66 8.75 13.92
CA LYS A 176 -32.99 7.51 13.24
C LYS A 176 -33.67 7.83 11.91
N LYS A 177 -33.49 6.92 10.95
CA LYS A 177 -34.14 7.04 9.65
C LYS A 177 -35.62 7.35 9.83
N PRO A 178 -36.19 8.32 9.08
CA PRO A 178 -35.65 9.02 7.92
C PRO A 178 -34.76 10.24 8.22
N ILE A 179 -34.40 10.48 9.48
CA ILE A 179 -33.45 11.54 9.77
C ILE A 179 -32.10 11.13 9.20
N ALA A 180 -31.46 12.03 8.46
CA ALA A 180 -30.17 11.75 7.86
C ALA A 180 -29.15 12.87 8.02
N MET A 181 -29.51 13.97 8.68
CA MET A 181 -28.61 15.09 8.90
C MET A 181 -28.81 15.58 10.33
N ILE A 182 -27.74 16.11 10.91
CA ILE A 182 -27.79 16.56 12.31
C ILE A 182 -28.82 17.67 12.49
N ASN A 183 -29.03 18.49 11.47
CA ASN A 183 -30.01 19.58 11.56
C ASN A 183 -31.39 19.17 11.08
N GLY A 184 -31.61 17.91 10.74
CA GLY A 184 -32.92 17.46 10.32
C GLY A 184 -33.29 17.76 8.89
N LYS A 185 -32.44 18.45 8.13
CA LYS A 185 -32.72 18.75 6.75
C LYS A 185 -32.52 17.48 5.91
N PRO A 186 -32.93 17.48 4.64
CA PRO A 186 -32.74 16.28 3.81
C PRO A 186 -31.27 15.97 3.54
N PHE A 187 -31.03 14.74 3.10
CA PHE A 187 -29.69 14.16 3.10
C PHE A 187 -28.77 14.77 2.04
N LYS A 188 -27.59 15.19 2.48
CA LYS A 188 -26.49 15.64 1.63
C LYS A 188 -25.20 14.98 2.10
N SER A 189 -24.70 14.02 1.31
CA SER A 189 -23.60 13.18 1.77
C SER A 189 -22.32 13.98 1.99
N GLY A 190 -22.03 14.95 1.11
CA GLY A 190 -20.84 15.75 1.28
C GLY A 190 -20.92 16.67 2.49
N LYS A 191 -22.08 17.28 2.70
CA LYS A 191 -22.27 18.11 3.89
C LYS A 191 -22.27 17.26 5.15
N ALA A 192 -22.76 16.02 5.05
CA ALA A 192 -22.73 15.14 6.20
C ALA A 192 -21.30 14.91 6.68
N TYR A 193 -20.35 14.87 5.75
CA TYR A 193 -18.94 14.76 6.14
C TYR A 193 -18.46 16.04 6.81
N LYS A 194 -18.73 17.19 6.20
CA LYS A 194 -18.39 18.46 6.82
C LYS A 194 -19.02 18.58 8.20
N ASP A 195 -20.30 18.20 8.32
CA ASP A 195 -20.97 18.25 9.61
C ASP A 195 -20.26 17.37 10.64
N SER A 196 -19.82 16.18 10.22
CA SER A 196 -19.22 15.25 11.18
C SER A 196 -17.87 15.76 11.68
N LYS A 197 -17.07 16.39 10.82
CA LYS A 197 -15.79 16.94 11.25
C LYS A 197 -15.99 18.17 12.14
N LEU A 198 -17.04 18.94 11.90
CA LEU A 198 -17.39 20.00 12.83
C LEU A 198 -17.68 19.44 14.22
N CYS A 199 -18.38 18.31 14.28
CA CYS A 199 -18.62 17.64 15.56
C CYS A 199 -17.33 17.21 16.22
N ASN A 200 -16.35 16.77 15.43
CA ASN A 200 -15.06 16.42 15.99
C ASN A 200 -14.42 17.62 16.69
N MET A 201 -14.44 18.78 16.04
CA MET A 201 -13.89 19.99 16.66
C MET A 201 -14.61 20.35 17.95
N LEU A 202 -15.95 20.35 17.89
CA LEU A 202 -16.73 20.69 19.08
C LEU A 202 -16.49 19.68 20.20
N THR A 203 -16.27 18.42 19.85
CA THR A 203 -15.95 17.41 20.86
C THR A 203 -14.61 17.70 21.51
N ALA A 204 -13.59 18.01 20.70
CA ALA A 204 -12.29 18.40 21.24
C ALA A 204 -12.43 19.62 22.14
N ARG A 205 -13.29 20.56 21.75
CA ARG A 205 -13.53 21.75 22.56
C ARG A 205 -14.20 21.38 23.88
N GLU A 206 -15.18 20.49 23.86
CA GLU A 206 -15.85 20.07 25.09
C GLU A 206 -14.93 19.22 25.96
N LEU A 207 -14.11 18.36 25.34
CA LEU A 207 -13.17 17.55 26.11
C LEU A 207 -12.26 18.43 26.97
N HIS A 208 -11.71 19.49 26.37
CA HIS A 208 -10.85 20.38 27.13
C HIS A 208 -11.61 21.08 28.25
N ARG A 209 -12.77 21.65 27.93
CA ARG A 209 -13.53 22.38 28.93
C ARG A 209 -13.90 21.50 30.12
N ARG A 210 -14.26 20.24 29.86
CA ARG A 210 -14.78 19.38 30.92
C ARG A 210 -13.67 18.74 31.74
N PHE A 211 -12.55 18.37 31.10
CA PHE A 211 -11.64 17.43 31.72
C PHE A 211 -10.20 17.89 31.84
N HIS A 212 -9.79 18.98 31.19
CA HIS A 212 -8.37 19.30 31.22
C HIS A 212 -7.91 19.70 32.62
N GLU A 213 -8.63 20.62 33.26
CA GLU A 213 -8.18 21.09 34.57
C GLU A 213 -8.18 19.95 35.59
N SER A 214 -9.08 18.98 35.45
CA SER A 214 -9.23 17.92 36.44
C SER A 214 -8.41 16.68 36.12
N THR A 215 -7.97 16.49 34.88
CA THR A 215 -7.18 15.32 34.52
C THR A 215 -5.76 15.63 34.08
N GLY A 216 -5.48 16.85 33.62
CA GLY A 216 -4.18 17.14 33.05
C GLY A 216 -3.97 16.58 31.66
N ILE A 217 -4.97 15.91 31.08
CA ILE A 217 -4.86 15.41 29.72
C ILE A 217 -4.95 16.56 28.73
N VAL A 218 -4.12 16.50 27.69
CA VAL A 218 -4.15 17.50 26.63
C VAL A 218 -5.17 17.08 25.58
N PHE A 219 -6.11 17.96 25.30
CA PHE A 219 -7.17 17.70 24.32
C PHE A 219 -6.99 18.70 23.18
N ASN A 220 -6.55 18.21 22.03
CA ASN A 220 -6.28 19.07 20.89
C ASN A 220 -6.88 18.49 19.62
N SER A 221 -7.09 19.37 18.67
CA SER A 221 -7.40 19.02 17.28
C SER A 221 -6.29 19.55 16.39
N LEU A 222 -6.32 19.14 15.12
CA LEU A 222 -5.27 19.51 14.18
C LEU A 222 -5.78 19.42 12.74
N TYR A 223 -5.32 20.35 11.91
CA TYR A 223 -5.54 20.32 10.47
C TYR A 223 -4.19 20.25 9.76
N PRO A 224 -3.81 19.10 9.22
CA PRO A 224 -2.46 18.96 8.65
C PRO A 224 -2.29 19.54 7.25
N GLY A 225 -3.34 19.99 6.60
CA GLY A 225 -3.29 20.40 5.21
C GLY A 225 -4.13 19.49 4.35
N CYS A 226 -4.06 19.71 3.04
CA CYS A 226 -4.81 18.90 2.09
C CYS A 226 -3.98 17.70 1.69
N VAL A 227 -4.32 16.54 2.24
CA VAL A 227 -3.58 15.31 1.96
C VAL A 227 -4.23 14.66 0.76
N ALA A 228 -3.97 15.21 -0.42
CA ALA A 228 -4.74 14.89 -1.62
C ALA A 228 -4.55 13.45 -2.09
N ASP A 229 -3.60 12.70 -1.53
CA ASP A 229 -3.31 11.36 -2.00
C ASP A 229 -4.06 10.26 -1.28
N THR A 230 -4.71 10.53 -0.14
CA THR A 230 -5.20 9.45 0.71
C THR A 230 -6.45 8.81 0.14
N PRO A 231 -6.74 7.57 0.57
CA PRO A 231 -8.01 6.92 0.22
C PRO A 231 -9.27 7.58 0.78
N LEU A 232 -9.16 8.74 1.42
CA LEU A 232 -10.36 9.45 1.85
C LEU A 232 -11.26 9.76 0.66
N PHE A 233 -10.68 9.93 -0.52
CA PHE A 233 -11.43 10.25 -1.72
C PHE A 233 -11.77 9.01 -2.54
N ARG A 234 -11.76 7.83 -1.92
CA ARG A 234 -12.05 6.58 -2.61
C ARG A 234 -13.47 6.54 -3.18
N HIS A 235 -14.39 7.29 -2.60
CA HIS A 235 -15.75 7.33 -3.08
C HIS A 235 -15.98 8.50 -4.02
N HIS A 236 -14.91 9.15 -4.48
CA HIS A 236 -15.02 10.21 -5.46
C HIS A 236 -14.85 9.63 -6.86
N PHE A 237 -15.05 10.45 -7.88
CA PHE A 237 -14.90 9.97 -9.25
C PHE A 237 -13.46 9.57 -9.48
N PRO A 238 -13.21 8.49 -10.24
CA PRO A 238 -11.82 8.07 -10.46
C PRO A 238 -10.95 9.18 -11.03
N LEU A 239 -11.50 10.03 -11.89
CA LEU A 239 -10.72 11.14 -12.41
C LEU A 239 -10.33 12.12 -11.31
N PHE A 240 -11.20 12.31 -10.31
CA PHE A 240 -10.88 13.21 -9.20
C PHE A 240 -9.66 12.71 -8.42
N GLN A 241 -9.65 11.42 -8.10
CA GLN A 241 -8.54 10.86 -7.33
C GLN A 241 -7.23 10.98 -8.08
N LYS A 242 -7.26 10.91 -9.41
CA LYS A 242 -6.05 10.99 -10.21
C LYS A 242 -5.49 12.41 -10.25
N LEU A 243 -6.36 13.41 -10.36
CA LEU A 243 -5.91 14.76 -10.62
C LEU A 243 -5.91 15.69 -9.40
N PHE A 244 -6.63 15.34 -8.34
CA PHE A 244 -6.68 16.20 -7.16
C PHE A 244 -5.31 16.51 -6.56
N PRO A 245 -4.35 15.58 -6.47
CA PRO A 245 -3.01 15.99 -5.97
C PRO A 245 -2.33 17.04 -6.82
N LEU A 246 -2.35 16.87 -8.15
CA LEU A 246 -1.74 17.88 -9.02
C LEU A 246 -2.45 19.22 -8.87
N PHE A 247 -3.78 19.20 -8.80
CA PHE A 247 -4.54 20.43 -8.58
C PHE A 247 -4.12 21.08 -7.27
N GLN A 248 -4.09 20.29 -6.20
CA GLN A 248 -3.70 20.82 -4.90
C GLN A 248 -2.24 21.19 -4.84
N LYS A 249 -1.41 20.65 -5.73
CA LYS A 249 0.02 20.91 -5.75
C LYS A 249 0.35 22.16 -6.57
N LYS A 250 -0.23 22.28 -7.75
CA LYS A 250 0.15 23.29 -8.71
C LYS A 250 -0.78 24.50 -8.76
N ILE A 251 -1.96 24.42 -8.13
CA ILE A 251 -2.96 25.49 -8.21
C ILE A 251 -3.19 26.14 -6.85
N THR A 252 -3.62 25.35 -5.86
CA THR A 252 -3.86 25.91 -4.53
C THR A 252 -2.62 25.95 -3.66
N GLY A 253 -1.64 25.08 -3.91
CA GLY A 253 -0.50 25.00 -3.02
C GLY A 253 -0.78 24.43 -1.66
N GLY A 254 -1.99 23.95 -1.40
CA GLY A 254 -2.32 23.37 -0.12
C GLY A 254 -1.94 21.92 0.05
N TYR A 255 -1.30 21.32 -0.95
CA TYR A 255 -0.96 19.91 -0.88
C TYR A 255 0.04 19.65 0.23
N VAL A 256 -0.19 18.57 0.98
CA VAL A 256 0.80 18.03 1.91
C VAL A 256 0.87 16.53 1.63
N SER A 257 2.07 15.97 1.77
CA SER A 257 2.23 14.55 1.56
C SER A 257 1.67 13.77 2.74
N GLN A 258 1.39 12.48 2.50
CA GLN A 258 0.94 11.61 3.57
C GLN A 258 2.00 11.52 4.67
N GLU A 259 3.28 11.48 4.30
CA GLU A 259 4.33 11.39 5.31
C GLU A 259 4.37 12.65 6.17
N LEU A 260 4.19 13.82 5.56
CA LEU A 260 4.24 15.06 6.32
C LEU A 260 3.02 15.18 7.23
N ALA A 261 1.85 14.73 6.76
CA ALA A 261 0.66 14.74 7.59
C ALA A 261 0.80 13.80 8.77
N GLY A 262 1.31 12.58 8.53
CA GLY A 262 1.57 11.68 9.63
C GLY A 262 2.56 12.24 10.64
N GLU A 263 3.61 12.92 10.14
CA GLU A 263 4.59 13.52 11.05
C GLU A 263 3.95 14.63 11.88
N ARG A 264 3.03 15.39 11.28
CA ARG A 264 2.38 16.45 12.04
C ARG A 264 1.47 15.90 13.12
N VAL A 265 0.79 14.78 12.85
CA VAL A 265 0.04 14.10 13.92
C VAL A 265 0.97 13.71 15.05
N ALA A 266 2.14 13.16 14.71
CA ALA A 266 3.08 12.72 15.73
C ALA A 266 3.59 13.89 16.57
N MET A 267 3.80 15.05 15.97
CA MET A 267 4.22 16.23 16.71
C MET A 267 3.20 16.59 17.78
N VAL A 268 1.91 16.66 17.38
CA VAL A 268 0.87 17.06 18.31
C VAL A 268 0.68 16.01 19.39
N VAL A 269 0.99 14.75 19.08
CA VAL A 269 0.91 13.69 20.08
C VAL A 269 2.08 13.75 21.04
N ALA A 270 3.30 13.93 20.51
CA ALA A 270 4.51 13.64 21.27
C ALA A 270 5.42 14.84 21.51
N ASP A 271 5.37 15.88 20.67
CA ASP A 271 6.35 16.94 20.84
C ASP A 271 5.96 17.87 21.99
N PRO A 272 6.95 18.38 22.73
CA PRO A 272 6.63 19.22 23.90
C PRO A 272 6.12 20.59 23.52
N GLU A 273 6.43 21.06 22.30
CA GLU A 273 5.93 22.35 21.83
C GLU A 273 4.42 22.34 21.59
N PHE A 274 3.76 21.19 21.74
CA PHE A 274 2.32 21.08 21.45
C PHE A 274 1.53 20.62 22.67
N ARG A 275 2.00 20.90 23.89
CA ARG A 275 1.34 20.42 25.09
C ARG A 275 0.21 21.34 25.58
N GLN A 276 0.02 22.51 24.97
CA GLN A 276 -1.11 23.36 25.36
C GLN A 276 -2.42 22.70 24.96
N SER A 277 -3.39 22.71 25.87
CA SER A 277 -4.66 22.04 25.66
CA SER A 277 -4.66 22.04 25.66
C SER A 277 -5.73 23.00 25.14
N GLY A 278 -6.81 22.41 24.62
CA GLY A 278 -7.92 23.19 24.10
C GLY A 278 -7.62 23.96 22.83
N VAL A 279 -6.70 23.48 22.00
CA VAL A 279 -6.15 24.24 20.89
C VAL A 279 -6.33 23.46 19.59
N HIS A 280 -6.48 24.20 18.48
CA HIS A 280 -6.50 23.65 17.13
C HIS A 280 -5.22 24.02 16.40
N TRP A 281 -4.41 23.02 16.05
CA TRP A 281 -3.16 23.23 15.36
C TRP A 281 -3.35 23.17 13.86
N SER A 282 -2.71 24.10 13.15
CA SER A 282 -2.77 24.10 11.68
C SER A 282 -1.51 24.75 11.16
N TRP A 283 -1.22 24.49 9.89
CA TRP A 283 -0.09 25.11 9.21
C TRP A 283 -0.52 25.98 8.03
N GLY A 284 -1.79 26.34 7.95
CA GLY A 284 -2.31 27.18 6.89
C GLY A 284 -3.09 26.39 5.87
N ASN A 285 -3.86 27.12 5.06
CA ASN A 285 -4.45 26.52 3.87
C ASN A 285 -3.37 26.27 2.81
N ARG A 286 -2.69 27.33 2.39
CA ARG A 286 -1.53 27.19 1.52
C ARG A 286 -0.27 26.92 2.35
N GLN A 287 0.54 25.99 1.87
CA GLN A 287 1.70 25.50 2.59
C GLN A 287 2.95 26.33 2.30
N LYS A 288 3.81 26.43 3.30
CA LYS A 288 5.10 27.10 3.16
C LYS A 288 6.20 26.10 3.49
N GLU A 289 7.28 26.53 4.12
CA GLU A 289 8.36 25.60 4.46
C GLU A 289 9.34 26.21 5.48
N LYS A 292 5.56 26.14 9.99
CA LYS A 292 5.37 26.75 11.30
C LYS A 292 3.89 26.75 11.73
N ALA A 293 3.59 26.02 12.80
CA ALA A 293 2.22 25.76 13.23
C ALA A 293 1.51 27.00 13.77
N PHE A 294 0.20 27.09 13.52
CA PHE A 294 -0.62 28.18 14.06
C PHE A 294 -1.48 27.62 15.19
N VAL A 295 -1.69 28.46 16.21
CA VAL A 295 -2.52 28.16 17.38
C VAL A 295 -3.88 28.82 17.23
N GLN A 296 -4.94 28.04 17.43
CA GLN A 296 -6.30 28.56 17.44
C GLN A 296 -7.02 27.96 18.63
N GLU A 297 -7.66 28.80 19.44
CA GLU A 297 -8.38 28.28 20.60
C GLU A 297 -9.69 27.63 20.15
N LEU A 298 -9.99 26.45 20.70
CA LEU A 298 -11.15 25.71 20.23
C LEU A 298 -12.45 26.38 20.64
N SER A 299 -12.47 26.98 21.82
CA SER A 299 -13.61 27.73 22.30
C SER A 299 -13.71 29.13 21.68
N ALA A 300 -13.01 29.40 20.58
CA ALA A 300 -13.00 30.76 20.02
C ALA A 300 -14.41 31.22 19.67
N GLU A 301 -15.17 30.39 18.96
CA GLU A 301 -16.55 30.72 18.65
C GLU A 301 -17.38 30.70 19.94
N ALA A 302 -17.52 31.85 20.59
CA ALA A 302 -18.26 31.90 21.84
C ALA A 302 -19.76 31.63 21.65
N SER A 303 -20.28 31.84 20.45
CA SER A 303 -21.71 31.62 20.23
C SER A 303 -22.06 30.16 20.03
N ASP A 304 -21.09 29.29 19.76
CA ASP A 304 -21.30 27.86 19.71
C ASP A 304 -21.11 27.19 21.08
N GLU A 305 -21.05 27.97 22.16
CA GLU A 305 -20.76 27.39 23.47
C GLU A 305 -21.87 26.48 23.95
N GLN A 306 -23.12 26.88 23.76
CA GLN A 306 -24.21 26.05 24.22
C GLN A 306 -24.45 24.89 23.26
N LYS A 307 -24.37 25.14 21.95
CA LYS A 307 -24.53 24.07 20.98
C LYS A 307 -23.47 22.99 21.18
N ALA A 308 -22.25 23.39 21.54
CA ALA A 308 -21.21 22.39 21.83
C ALA A 308 -21.62 21.52 22.99
N ARG A 309 -22.20 22.12 24.04
CA ARG A 309 -22.60 21.35 25.22
C ARG A 309 -23.78 20.45 24.92
N ARG A 310 -24.78 20.95 24.18
CA ARG A 310 -25.93 20.11 23.85
C ARG A 310 -25.52 18.99 22.90
N LEU A 311 -24.63 19.28 21.94
CA LEU A 311 -24.08 18.22 21.10
C LEU A 311 -23.49 17.10 21.93
N TRP A 312 -22.69 17.45 22.93
CA TRP A 312 -22.14 16.45 23.84
C TRP A 312 -23.25 15.64 24.50
N GLU A 313 -24.26 16.33 25.03
CA GLU A 313 -25.35 15.64 25.74
C GLU A 313 -26.14 14.74 24.81
N LEU A 314 -26.48 15.23 23.62
CA LEU A 314 -27.18 14.40 22.64
C LEU A 314 -26.34 13.22 22.20
N SER A 315 -25.02 13.41 22.10
CA SER A 315 -24.15 12.31 21.69
C SER A 315 -24.08 11.23 22.76
N GLU A 316 -24.02 11.63 24.03
CA GLU A 316 -24.10 10.66 25.13
C GLU A 316 -25.37 9.83 25.03
N LYS A 317 -26.48 10.48 24.66
CA LYS A 317 -27.75 9.77 24.53
C LYS A 317 -27.72 8.80 23.35
N LEU A 318 -27.14 9.22 22.22
CA LEU A 318 -27.19 8.39 21.01
C LEU A 318 -26.30 7.15 21.14
N VAL A 319 -25.19 7.23 21.90
CA VAL A 319 -24.29 6.09 22.00
C VAL A 319 -24.58 5.23 23.22
N GLY A 320 -25.57 5.59 24.03
CA GLY A 320 -25.94 4.76 25.15
C GLY A 320 -25.21 5.02 26.44
N LEU A 321 -24.71 6.24 26.64
CA LEU A 321 -24.11 6.61 27.91
C LEU A 321 -25.14 7.30 28.81
N PRO B 5 6.09 14.67 -21.81
CA PRO B 5 5.61 13.32 -22.07
C PRO B 5 6.34 12.27 -21.22
N ARG B 6 5.60 11.52 -20.42
CA ARG B 6 6.24 10.56 -19.54
C ARG B 6 6.47 9.27 -20.30
N PRO B 7 7.70 8.73 -20.32
CA PRO B 7 7.91 7.42 -20.93
C PRO B 7 7.19 6.35 -20.12
N THR B 8 6.66 5.37 -20.84
CA THR B 8 5.78 4.36 -20.27
C THR B 8 6.54 3.06 -20.07
N VAL B 9 6.34 2.44 -18.91
CA VAL B 9 6.97 1.17 -18.57
C VAL B 9 5.91 0.28 -17.93
N ILE B 10 5.89 -0.99 -18.32
CA ILE B 10 5.00 -1.98 -17.74
C ILE B 10 5.78 -2.81 -16.75
N ILE B 11 5.25 -2.96 -15.54
CA ILE B 11 5.83 -3.79 -14.49
C ILE B 11 4.77 -4.77 -14.04
N THR B 12 5.05 -6.07 -14.19
CA THR B 12 4.14 -7.10 -13.72
C THR B 12 4.38 -7.37 -12.24
N GLY B 13 3.29 -7.66 -11.53
CA GLY B 13 3.38 -7.92 -10.10
C GLY B 13 3.89 -6.72 -9.33
N ALA B 14 3.31 -5.56 -9.58
CA ALA B 14 3.74 -4.30 -8.96
C ALA B 14 3.00 -4.02 -7.66
N SER B 15 2.22 -4.97 -7.16
CA SER B 15 1.40 -4.73 -5.98
C SER B 15 2.16 -4.92 -4.66
N SER B 16 3.37 -5.49 -4.69
CA SER B 16 4.16 -5.61 -3.48
C SER B 16 5.63 -5.82 -3.88
N GLY B 17 6.49 -5.85 -2.87
CA GLY B 17 7.88 -6.24 -3.02
C GLY B 17 8.65 -5.41 -4.02
N VAL B 18 9.53 -6.08 -4.77
CA VAL B 18 10.42 -5.40 -5.70
C VAL B 18 9.63 -4.60 -6.73
N GLY B 19 8.56 -5.18 -7.27
CA GLY B 19 7.80 -4.50 -8.30
C GLY B 19 7.12 -3.23 -7.79
N LEU B 20 6.64 -3.26 -6.55
CA LEU B 20 6.03 -2.07 -5.98
C LEU B 20 7.06 -0.97 -5.81
N TYR B 21 8.21 -1.30 -5.22
CA TYR B 21 9.21 -0.26 -4.99
C TYR B 21 9.89 0.16 -6.28
N ALA B 22 9.88 -0.69 -7.32
CA ALA B 22 10.36 -0.27 -8.62
C ALA B 22 9.42 0.72 -9.28
N THR B 23 8.11 0.54 -9.07
CA THR B 23 7.14 1.48 -9.61
C THR B 23 7.37 2.87 -9.03
N LYS B 24 7.62 2.93 -7.72
CA LYS B 24 7.89 4.21 -7.07
C LYS B 24 9.19 4.84 -7.59
N ALA B 25 10.26 4.04 -7.71
CA ALA B 25 11.53 4.57 -8.19
C ALA B 25 11.42 5.06 -9.64
N LEU B 26 10.68 4.34 -10.47
CA LEU B 26 10.50 4.77 -11.85
C LEU B 26 9.60 6.00 -11.93
N ALA B 27 8.55 6.06 -11.11
CA ALA B 27 7.69 7.23 -11.09
C ALA B 27 8.45 8.47 -10.67
N ASN B 28 9.37 8.34 -9.71
CA ASN B 28 10.17 9.48 -9.27
C ASN B 28 11.16 9.95 -10.32
N ARG B 29 11.47 9.10 -11.30
CA ARG B 29 12.35 9.49 -12.39
C ARG B 29 11.57 10.09 -13.56
N GLY B 30 10.26 10.24 -13.42
CA GLY B 30 9.43 10.83 -14.45
C GLY B 30 8.76 9.86 -15.39
N TRP B 31 8.83 8.57 -15.11
CA TRP B 31 8.15 7.59 -15.94
C TRP B 31 6.68 7.48 -15.54
N HIS B 32 5.88 6.99 -16.48
CA HIS B 32 4.51 6.58 -16.21
C HIS B 32 4.49 5.06 -16.19
N VAL B 33 4.07 4.48 -15.07
CA VAL B 33 4.18 3.05 -14.85
C VAL B 33 2.82 2.40 -15.03
N ILE B 34 2.76 1.38 -15.88
CA ILE B 34 1.59 0.51 -15.99
C ILE B 34 1.75 -0.59 -14.96
N MET B 35 0.99 -0.50 -13.87
CA MET B 35 1.02 -1.53 -12.83
C MET B 35 0.09 -2.66 -13.26
N ALA B 36 0.67 -3.76 -13.74
CA ALA B 36 -0.08 -4.92 -14.21
C ALA B 36 -0.18 -5.92 -13.08
N CYS B 37 -1.35 -6.01 -12.46
CA CYS B 37 -1.53 -6.84 -11.28
C CYS B 37 -2.85 -7.61 -11.38
N ARG B 38 -2.92 -8.73 -10.67
CA ARG B 38 -4.15 -9.51 -10.65
C ARG B 38 -5.13 -9.04 -9.59
N ASN B 39 -4.66 -8.26 -8.61
CA ASN B 39 -5.47 -7.84 -7.48
C ASN B 39 -5.52 -6.31 -7.51
N LEU B 40 -6.57 -5.77 -8.12
CA LEU B 40 -6.62 -4.32 -8.38
C LEU B 40 -6.66 -3.53 -7.08
N GLU B 41 -7.48 -3.96 -6.12
CA GLU B 41 -7.55 -3.23 -4.85
C GLU B 41 -6.23 -3.30 -4.11
N LYS B 42 -5.60 -4.47 -4.09
CA LYS B 42 -4.32 -4.62 -3.40
C LYS B 42 -3.27 -3.69 -4.02
N ALA B 43 -3.30 -3.54 -5.35
CA ALA B 43 -2.35 -2.67 -6.03
C ALA B 43 -2.62 -1.21 -5.72
N GLU B 44 -3.89 -0.80 -5.77
CA GLU B 44 -4.23 0.60 -5.53
C GLU B 44 -3.86 1.01 -4.11
N GLN B 45 -4.18 0.16 -3.14
CA GLN B 45 -3.81 0.43 -1.75
C GLN B 45 -2.30 0.54 -1.62
N ALA B 46 -1.55 -0.31 -2.34
CA ALA B 46 -0.09 -0.29 -2.22
C ALA B 46 0.50 0.97 -2.83
N ALA B 47 -0.01 1.38 -3.99
CA ALA B 47 0.52 2.59 -4.63
C ALA B 47 0.21 3.82 -3.79
N LYS B 48 -1.01 3.91 -3.24
CA LYS B 48 -1.34 5.06 -2.40
C LYS B 48 -0.60 5.01 -1.08
N ASN B 49 -0.40 3.81 -0.52
CA ASN B 49 0.35 3.70 0.72
C ASN B 49 1.81 4.10 0.56
N LEU B 50 2.41 3.89 -0.62
CA LEU B 50 3.79 4.27 -0.89
C LEU B 50 3.97 5.67 -1.46
N GLN B 51 2.91 6.49 -1.48
CA GLN B 51 3.01 7.89 -1.90
C GLN B 51 3.45 8.03 -3.36
N ILE B 52 3.08 7.07 -4.21
CA ILE B 52 3.30 7.18 -5.64
C ILE B 52 2.31 8.19 -6.21
N PRO B 53 2.76 9.24 -6.89
CA PRO B 53 1.82 10.25 -7.44
C PRO B 53 0.81 9.59 -8.36
N PRO B 54 -0.49 9.77 -8.10
CA PRO B 54 -1.50 9.00 -8.86
C PRO B 54 -1.46 9.25 -10.36
N GLU B 55 -0.98 10.40 -10.80
CA GLU B 55 -0.86 10.67 -12.23
C GLU B 55 0.31 9.96 -12.86
N ALA B 56 1.13 9.29 -12.07
CA ALA B 56 2.32 8.63 -12.60
C ALA B 56 2.09 7.16 -12.90
N TYR B 57 0.90 6.61 -12.62
CA TYR B 57 0.68 5.20 -12.87
C TYR B 57 -0.75 4.94 -13.32
N THR B 58 -0.95 3.77 -13.91
CA THR B 58 -2.24 3.24 -14.29
C THR B 58 -2.23 1.77 -13.93
N ILE B 59 -3.33 1.28 -13.36
CA ILE B 59 -3.42 -0.10 -12.89
C ILE B 59 -4.33 -0.86 -13.85
N LEU B 60 -3.80 -1.92 -14.42
CA LEU B 60 -4.53 -2.79 -15.34
C LEU B 60 -4.46 -4.22 -14.82
N HIS B 61 -5.54 -4.96 -14.99
CA HIS B 61 -5.59 -6.34 -14.52
C HIS B 61 -4.73 -7.25 -15.38
N LEU B 62 -3.94 -8.08 -14.72
CA LEU B 62 -3.12 -9.09 -15.39
C LEU B 62 -2.93 -10.25 -14.43
N ASP B 63 -3.47 -11.42 -14.82
CA ASP B 63 -3.23 -12.68 -14.13
C ASP B 63 -2.35 -13.51 -15.04
N LEU B 64 -1.07 -13.61 -14.70
CA LEU B 64 -0.09 -14.32 -15.51
C LEU B 64 -0.34 -15.83 -15.55
N SER B 65 -1.15 -16.37 -14.63
CA SER B 65 -1.53 -17.78 -14.66
C SER B 65 -2.68 -18.07 -15.62
N SER B 66 -3.24 -17.04 -16.26
CA SER B 66 -4.28 -17.22 -17.26
C SER B 66 -3.80 -16.61 -18.57
N LEU B 67 -3.59 -17.46 -19.58
CA LEU B 67 -3.13 -16.98 -20.88
C LEU B 67 -4.16 -16.07 -21.54
N ALA B 68 -5.46 -16.31 -21.30
CA ALA B 68 -6.49 -15.42 -21.82
C ALA B 68 -6.41 -14.05 -21.14
N SER B 69 -6.04 -14.01 -19.86
CA SER B 69 -5.88 -12.73 -19.18
C SER B 69 -4.64 -12.00 -19.69
N VAL B 70 -3.57 -12.74 -20.00
CA VAL B 70 -2.38 -12.12 -20.60
C VAL B 70 -2.75 -11.40 -21.88
N ARG B 71 -3.50 -12.08 -22.76
CA ARG B 71 -3.92 -11.47 -24.02
CA ARG B 71 -3.91 -11.46 -24.01
C ARG B 71 -4.85 -10.29 -23.77
N GLY B 72 -5.75 -10.42 -22.79
CA GLY B 72 -6.66 -9.32 -22.47
C GLY B 72 -5.94 -8.09 -21.96
N PHE B 73 -4.93 -8.28 -21.12
CA PHE B 73 -4.15 -7.14 -20.63
C PHE B 73 -3.47 -6.40 -21.76
N VAL B 74 -2.91 -7.14 -22.72
CA VAL B 74 -2.22 -6.50 -23.85
C VAL B 74 -3.17 -5.59 -24.61
N GLU B 75 -4.38 -6.08 -24.91
CA GLU B 75 -5.36 -5.25 -25.59
CA GLU B 75 -5.37 -5.24 -25.60
C GLU B 75 -5.76 -4.04 -24.75
N SER B 76 -5.92 -4.23 -23.44
CA SER B 76 -6.22 -3.12 -22.54
C SER B 76 -5.10 -2.09 -22.56
N PHE B 77 -3.85 -2.54 -22.65
CA PHE B 77 -2.74 -1.60 -22.73
C PHE B 77 -2.71 -0.88 -24.07
N ARG B 78 -2.89 -1.62 -25.17
CA ARG B 78 -2.87 -0.98 -26.48
C ARG B 78 -3.97 0.07 -26.60
N ALA B 79 -5.11 -0.17 -25.95
CA ALA B 79 -6.19 0.81 -25.98
C ALA B 79 -5.85 2.10 -25.24
N LEU B 80 -4.81 2.10 -24.42
CA LEU B 80 -4.34 3.33 -23.78
C LEU B 80 -3.66 4.29 -24.76
N ASN B 81 -3.22 3.79 -25.92
CA ASN B 81 -2.53 4.60 -26.93
C ASN B 81 -1.32 5.33 -26.34
N ARG B 82 -0.53 4.61 -25.55
CA ARG B 82 0.71 5.13 -25.02
C ARG B 82 1.86 4.34 -25.61
N PRO B 83 2.84 4.99 -26.23
CA PRO B 83 3.98 4.23 -26.76
C PRO B 83 4.75 3.60 -25.63
N LEU B 84 5.16 2.35 -25.83
CA LEU B 84 5.84 1.58 -24.81
C LEU B 84 7.35 1.77 -24.94
N ARG B 85 7.99 2.12 -23.84
CA ARG B 85 9.45 2.19 -23.84
C ARG B 85 10.12 1.02 -23.14
N ALA B 86 9.49 0.42 -22.12
CA ALA B 86 10.15 -0.63 -21.37
C ALA B 86 9.14 -1.59 -20.76
N LEU B 87 9.56 -2.83 -20.60
CA LEU B 87 8.76 -3.89 -19.98
C LEU B 87 9.61 -4.60 -18.93
N VAL B 88 9.09 -4.67 -17.70
CA VAL B 88 9.76 -5.37 -16.60
C VAL B 88 8.91 -6.58 -16.21
N CYS B 89 9.46 -7.77 -16.43
CA CYS B 89 8.80 -9.01 -16.03
C CYS B 89 9.21 -9.32 -14.59
N ASN B 90 8.40 -8.87 -13.64
CA ASN B 90 8.78 -8.98 -12.24
C ASN B 90 7.97 -9.99 -11.44
N ALA B 91 6.69 -10.18 -11.77
CA ALA B 91 5.82 -11.00 -10.92
C ALA B 91 6.36 -12.43 -10.77
N ALA B 92 5.99 -13.05 -9.64
CA ALA B 92 6.37 -14.44 -9.38
C ALA B 92 5.66 -14.94 -8.14
N VAL B 93 5.59 -16.26 -8.03
CA VAL B 93 5.07 -16.95 -6.86
CA VAL B 93 5.08 -16.94 -6.85
C VAL B 93 6.10 -17.99 -6.43
N TYR B 94 6.25 -18.18 -5.12
CA TYR B 94 7.22 -19.11 -4.57
C TYR B 94 6.52 -20.02 -3.58
N TYR B 95 6.49 -21.33 -3.89
CA TYR B 95 6.00 -22.34 -2.96
C TYR B 95 7.16 -23.21 -2.50
N PRO B 96 7.68 -22.99 -1.29
CA PRO B 96 8.74 -23.88 -0.78
C PRO B 96 8.22 -25.16 -0.17
N LEU B 97 6.94 -25.20 0.24
CA LEU B 97 6.42 -26.27 1.10
C LEU B 97 5.09 -26.80 0.55
N LEU B 98 4.98 -26.92 -0.77
CA LEU B 98 3.76 -27.39 -1.40
C LEU B 98 3.89 -28.87 -1.72
N LYS B 99 3.00 -29.68 -1.15
CA LYS B 99 3.09 -31.13 -1.32
C LYS B 99 2.57 -31.57 -2.69
N GLU B 100 1.36 -31.12 -3.06
CA GLU B 100 0.78 -31.52 -4.33
C GLU B 100 0.70 -30.32 -5.26
N PRO B 101 1.00 -30.49 -6.54
CA PRO B 101 1.06 -29.34 -7.44
C PRO B 101 -0.29 -28.71 -7.68
N ILE B 102 -0.26 -27.40 -7.87
CA ILE B 102 -1.42 -26.61 -8.27
C ILE B 102 -1.30 -26.32 -9.75
N TYR B 103 -2.41 -26.43 -10.47
CA TYR B 103 -2.42 -26.26 -11.92
C TYR B 103 -3.22 -25.01 -12.29
N SER B 104 -2.64 -24.20 -13.16
CA SER B 104 -3.25 -22.95 -13.62
C SER B 104 -4.51 -23.21 -14.41
N VAL B 105 -5.21 -22.13 -14.78
CA VAL B 105 -6.43 -22.24 -15.57
C VAL B 105 -6.17 -22.97 -16.88
N ASP B 106 -4.96 -22.85 -17.43
CA ASP B 106 -4.61 -23.45 -18.69
C ASP B 106 -4.02 -24.86 -18.55
N GLY B 107 -3.90 -25.37 -17.33
CA GLY B 107 -3.49 -26.74 -17.11
C GLY B 107 -2.02 -26.95 -16.79
N TYR B 108 -1.31 -25.89 -16.43
CA TYR B 108 0.12 -25.93 -16.22
C TYR B 108 0.45 -25.73 -14.75
N GLU B 109 1.49 -26.41 -14.28
CA GLU B 109 1.95 -26.24 -12.90
C GLU B 109 2.14 -24.76 -12.59
N ILE B 110 1.59 -24.34 -11.44
CA ILE B 110 1.34 -22.93 -11.19
C ILE B 110 2.63 -22.09 -11.12
N THR B 111 3.72 -22.67 -10.64
CA THR B 111 4.95 -21.88 -10.51
C THR B 111 5.54 -21.54 -11.88
N VAL B 112 5.75 -22.56 -12.71
CA VAL B 112 6.26 -22.32 -14.07
C VAL B 112 5.24 -21.54 -14.90
N ALA B 113 3.96 -21.83 -14.72
CA ALA B 113 2.92 -21.13 -15.49
C ALA B 113 2.94 -19.63 -15.21
N THR B 114 3.06 -19.25 -13.94
CA THR B 114 3.03 -17.84 -13.59
C THR B 114 4.34 -17.16 -13.90
N ASN B 115 5.44 -17.75 -13.43
CA ASN B 115 6.75 -17.09 -13.49
C ASN B 115 7.29 -17.05 -14.91
N HIS B 116 7.18 -18.15 -15.66
CA HIS B 116 7.78 -18.24 -16.98
C HIS B 116 6.76 -18.17 -18.12
N LEU B 117 5.79 -19.09 -18.16
CA LEU B 117 4.94 -19.24 -19.34
C LEU B 117 4.08 -18.01 -19.59
N GLY B 118 3.45 -17.49 -18.53
CA GLY B 118 2.67 -16.28 -18.70
C GLY B 118 3.51 -15.10 -19.16
N HIS B 119 4.71 -14.96 -18.58
CA HIS B 119 5.63 -13.91 -19.03
C HIS B 119 6.09 -14.13 -20.45
N PHE B 120 6.27 -15.41 -20.85
CA PHE B 120 6.71 -15.71 -22.20
C PHE B 120 5.71 -15.25 -23.25
N LEU B 121 4.42 -15.52 -23.02
CA LEU B 121 3.40 -14.99 -23.92
C LEU B 121 3.35 -13.47 -23.86
N LEU B 122 3.42 -12.90 -22.66
CA LEU B 122 3.39 -11.45 -22.51
C LEU B 122 4.55 -10.80 -23.24
N ILE B 123 5.75 -11.38 -23.12
CA ILE B 123 6.90 -10.86 -23.84
C ILE B 123 6.68 -10.92 -25.34
N ASN B 124 6.14 -12.04 -25.84
CA ASN B 124 5.99 -12.22 -27.28
C ASN B 124 4.91 -11.32 -27.85
N LEU B 125 3.85 -11.05 -27.09
CA LEU B 125 2.84 -10.12 -27.59
C LEU B 125 3.35 -8.69 -27.53
N LEU B 126 4.01 -8.31 -26.45
CA LEU B 126 4.49 -6.95 -26.27
C LEU B 126 5.72 -6.62 -27.11
N LEU B 127 6.40 -7.62 -27.68
CA LEU B 127 7.52 -7.32 -28.57
C LEU B 127 7.08 -6.46 -29.75
N GLU B 128 5.88 -6.72 -30.27
CA GLU B 128 5.37 -5.88 -31.36
C GLU B 128 5.26 -4.42 -30.90
N ASP B 129 4.72 -4.20 -29.70
CA ASP B 129 4.56 -2.82 -29.22
C ASP B 129 5.91 -2.16 -28.99
N LEU B 130 6.88 -2.92 -28.47
CA LEU B 130 8.23 -2.37 -28.34
C LEU B 130 8.85 -2.09 -29.69
N LYS B 131 8.65 -3.00 -30.65
CA LYS B 131 9.14 -2.79 -32.01
C LYS B 131 8.56 -1.54 -32.64
N ASN B 132 7.24 -1.42 -32.63
CA ASN B 132 6.54 -0.34 -33.30
C ASN B 132 6.60 0.96 -32.54
N SER B 133 7.09 0.95 -31.31
CA SER B 133 7.12 2.16 -30.51
C SER B 133 8.12 3.15 -31.09
N PRO B 134 7.77 4.44 -31.15
CA PRO B 134 8.72 5.44 -31.63
C PRO B 134 9.82 5.76 -30.63
N GLU B 135 9.72 5.24 -29.41
CA GLU B 135 10.72 5.53 -28.38
C GLU B 135 12.04 4.85 -28.70
N SER B 136 13.13 5.53 -28.36
CA SER B 136 14.46 4.95 -28.40
C SER B 136 14.86 4.54 -26.99
N ASP B 137 15.98 3.84 -26.87
CA ASP B 137 16.43 3.28 -25.60
C ASP B 137 15.31 2.45 -24.97
N LYS B 138 14.87 1.45 -25.71
CA LYS B 138 13.81 0.56 -25.26
C LYS B 138 14.45 -0.68 -24.65
N ARG B 139 13.86 -1.14 -23.54
CA ARG B 139 14.47 -2.21 -22.77
C ARG B 139 13.41 -3.20 -22.30
N LEU B 140 13.79 -4.47 -22.23
CA LEU B 140 13.00 -5.52 -21.63
C LEU B 140 13.84 -6.13 -20.52
N VAL B 141 13.38 -6.01 -19.28
CA VAL B 141 14.13 -6.39 -18.09
C VAL B 141 13.40 -7.52 -17.40
N ILE B 142 14.12 -8.59 -17.07
CA ILE B 142 13.56 -9.78 -16.46
C ILE B 142 14.21 -9.97 -15.10
N LEU B 143 13.40 -10.27 -14.07
CA LEU B 143 13.93 -10.53 -12.74
C LEU B 143 14.44 -11.96 -12.65
N GLY B 144 15.71 -12.13 -12.26
CA GLY B 144 16.34 -13.44 -12.23
C GLY B 144 16.78 -13.89 -10.84
N THR B 145 17.76 -14.80 -10.76
CA THR B 145 18.22 -15.29 -9.47
C THR B 145 19.75 -15.38 -9.43
N VAL B 146 20.26 -15.77 -8.26
CA VAL B 146 21.68 -16.09 -8.12
C VAL B 146 21.99 -17.53 -8.49
N THR B 147 20.97 -18.39 -8.54
CA THR B 147 21.17 -19.84 -8.52
C THR B 147 21.55 -20.41 -9.88
N ALA B 148 22.14 -19.58 -10.75
CA ALA B 148 22.51 -20.06 -12.08
C ALA B 148 23.68 -19.28 -12.64
N ASN B 149 24.70 -19.00 -11.83
CA ASN B 149 25.86 -18.25 -12.29
C ASN B 149 27.10 -19.14 -12.31
N ARG B 150 28.24 -18.50 -12.60
CA ARG B 150 29.57 -19.11 -12.84
C ARG B 150 29.74 -19.56 -14.28
N PRO B 163 21.78 -31.46 -15.08
CA PRO B 163 21.08 -30.23 -15.48
C PRO B 163 19.71 -30.11 -14.79
N ASP B 164 19.39 -28.91 -14.28
CA ASP B 164 18.15 -28.73 -13.54
C ASP B 164 16.92 -28.91 -14.42
N LEU B 165 16.97 -28.47 -15.67
CA LEU B 165 15.86 -28.61 -16.60
C LEU B 165 15.87 -29.92 -17.37
N GLY B 166 16.83 -30.81 -17.10
CA GLY B 166 16.96 -32.05 -17.84
C GLY B 166 17.04 -31.79 -19.34
N ASN B 167 16.27 -32.55 -20.11
CA ASN B 167 16.13 -32.31 -21.54
C ASN B 167 14.74 -31.78 -21.89
N LEU B 168 14.11 -31.08 -20.95
CA LEU B 168 12.80 -30.45 -21.13
C LEU B 168 11.70 -31.49 -21.41
N GLU B 169 11.86 -32.69 -20.86
CA GLU B 169 10.92 -33.76 -21.18
C GLU B 169 9.49 -33.39 -20.80
N GLY B 170 9.32 -32.73 -19.65
CA GLY B 170 7.99 -32.33 -19.22
C GLY B 170 7.34 -31.35 -20.18
N PHE B 171 8.10 -30.38 -20.68
CA PHE B 171 7.56 -29.46 -21.68
C PHE B 171 7.33 -30.17 -23.01
N GLU B 172 8.25 -31.06 -23.38
CA GLU B 172 8.16 -31.78 -24.65
C GLU B 172 6.92 -32.66 -24.70
N LYS B 173 6.46 -33.14 -23.55
CA LYS B 173 5.30 -34.04 -23.49
C LYS B 173 4.00 -33.32 -23.17
N GLY B 174 3.97 -31.99 -23.22
CA GLY B 174 2.74 -31.24 -23.09
C GLY B 174 2.51 -30.56 -21.76
N PHE B 175 3.29 -30.89 -20.72
CA PHE B 175 3.29 -30.18 -19.43
C PHE B 175 1.91 -30.14 -18.78
N LYS B 176 1.12 -31.21 -18.95
CA LYS B 176 -0.18 -31.33 -18.31
C LYS B 176 -0.12 -32.36 -17.19
N LYS B 177 -0.98 -32.19 -16.19
CA LYS B 177 -1.10 -33.16 -15.10
C LYS B 177 -1.21 -34.57 -15.68
N PRO B 178 -0.47 -35.56 -15.15
CA PRO B 178 0.31 -35.53 -13.91
C PRO B 178 1.72 -34.94 -14.02
N ILE B 179 2.10 -34.39 -15.18
CA ILE B 179 3.41 -33.74 -15.28
C ILE B 179 3.42 -32.47 -14.44
N ALA B 180 4.48 -32.31 -13.62
CA ALA B 180 4.59 -31.13 -12.78
C ALA B 180 5.98 -30.51 -12.77
N MET B 181 6.94 -31.04 -13.52
CA MET B 181 8.29 -30.47 -13.57
C MET B 181 8.77 -30.45 -15.01
N ILE B 182 9.58 -29.44 -15.32
CA ILE B 182 10.07 -29.25 -16.68
C ILE B 182 10.95 -30.43 -17.11
N ASN B 183 11.63 -31.06 -16.16
CA ASN B 183 12.49 -32.20 -16.47
C ASN B 183 11.76 -33.54 -16.43
N GLY B 184 10.44 -33.53 -16.21
CA GLY B 184 9.67 -34.74 -16.15
C GLY B 184 9.72 -35.49 -14.83
N LYS B 185 10.52 -35.03 -13.88
CA LYS B 185 10.65 -35.67 -12.58
C LYS B 185 9.44 -35.36 -11.70
N PRO B 186 9.32 -36.02 -10.55
CA PRO B 186 8.19 -35.74 -9.65
C PRO B 186 8.27 -34.34 -9.06
N PHE B 187 7.13 -33.90 -8.52
CA PHE B 187 6.96 -32.51 -8.14
C PHE B 187 7.79 -32.20 -6.89
N LYS B 188 8.59 -31.15 -6.97
CA LYS B 188 9.28 -30.56 -5.82
C LYS B 188 9.04 -29.07 -5.97
N SER B 189 8.17 -28.51 -5.12
CA SER B 189 7.72 -27.14 -5.32
C SER B 189 8.87 -26.15 -5.23
N GLY B 190 9.83 -26.39 -4.34
CA GLY B 190 10.96 -25.48 -4.21
C GLY B 190 11.85 -25.46 -5.44
N LYS B 191 12.08 -26.64 -6.04
CA LYS B 191 12.86 -26.70 -7.27
C LYS B 191 12.10 -26.10 -8.45
N ALA B 192 10.77 -26.20 -8.45
CA ALA B 192 9.99 -25.61 -9.55
C ALA B 192 10.19 -24.11 -9.63
N TYR B 193 10.37 -23.45 -8.47
CA TYR B 193 10.68 -22.03 -8.49
C TYR B 193 12.06 -21.77 -9.08
N LYS B 194 13.07 -22.52 -8.61
CA LYS B 194 14.41 -22.38 -9.18
C LYS B 194 14.38 -22.65 -10.68
N ASP B 195 13.66 -23.69 -11.10
CA ASP B 195 13.52 -24.00 -12.53
C ASP B 195 12.87 -22.83 -13.27
N SER B 196 11.85 -22.21 -12.67
CA SER B 196 11.13 -21.15 -13.35
C SER B 196 12.01 -19.92 -13.54
N LYS B 197 12.82 -19.58 -12.53
CA LYS B 197 13.72 -18.44 -12.67
C LYS B 197 14.86 -18.73 -13.65
N LEU B 198 15.30 -19.99 -13.71
CA LEU B 198 16.25 -20.38 -14.76
C LEU B 198 15.64 -20.17 -16.15
N CYS B 199 14.36 -20.51 -16.32
CA CYS B 199 13.68 -20.21 -17.58
C CYS B 199 13.65 -18.71 -17.85
N ASN B 200 13.50 -17.90 -16.80
CA ASN B 200 13.60 -16.46 -17.00
C ASN B 200 14.96 -16.08 -17.55
N MET B 201 16.03 -16.66 -16.99
CA MET B 201 17.38 -16.38 -17.45
C MET B 201 17.55 -16.79 -18.92
N LEU B 202 17.14 -18.02 -19.26
CA LEU B 202 17.24 -18.50 -20.62
C LEU B 202 16.39 -17.69 -21.57
N THR B 203 15.25 -17.19 -21.10
CA THR B 203 14.42 -16.34 -21.95
C THR B 203 15.12 -15.03 -22.25
N ALA B 204 15.70 -14.40 -21.22
CA ALA B 204 16.47 -13.18 -21.45
C ALA B 204 17.63 -13.42 -22.40
N ARG B 205 18.32 -14.55 -22.27
CA ARG B 205 19.42 -14.87 -23.18
C ARG B 205 18.91 -15.10 -24.59
N GLU B 206 17.79 -15.82 -24.75
CA GLU B 206 17.26 -16.04 -26.09
C GLU B 206 16.72 -14.76 -26.70
N LEU B 207 16.08 -13.92 -25.89
CA LEU B 207 15.55 -12.66 -26.42
C LEU B 207 16.66 -11.84 -27.07
N HIS B 208 17.81 -11.72 -26.39
CA HIS B 208 18.93 -10.98 -26.95
C HIS B 208 19.43 -11.63 -28.23
N ARG B 209 19.64 -12.96 -28.20
CA ARG B 209 20.15 -13.66 -29.37
C ARG B 209 19.25 -13.45 -30.58
N ARG B 210 17.93 -13.47 -30.37
CA ARG B 210 16.99 -13.40 -31.50
C ARG B 210 16.75 -11.98 -31.97
N PHE B 211 16.73 -10.98 -31.08
CA PHE B 211 16.13 -9.70 -31.44
C PHE B 211 16.97 -8.45 -31.22
N HIS B 212 18.12 -8.52 -30.54
CA HIS B 212 18.84 -7.29 -30.24
C HIS B 212 19.40 -6.64 -31.51
N GLU B 213 20.07 -7.42 -32.36
CA GLU B 213 20.69 -6.85 -33.55
C GLU B 213 19.67 -6.27 -34.52
N SER B 214 18.46 -6.84 -34.57
CA SER B 214 17.47 -6.39 -35.53
C SER B 214 16.51 -5.34 -34.97
N THR B 215 16.36 -5.25 -33.65
CA THR B 215 15.43 -4.28 -33.05
C THR B 215 16.13 -3.21 -32.23
N GLY B 216 17.34 -3.46 -31.75
CA GLY B 216 18.00 -2.53 -30.87
C GLY B 216 17.49 -2.51 -29.45
N ILE B 217 16.52 -3.35 -29.12
CA ILE B 217 16.01 -3.41 -27.75
C ILE B 217 17.06 -4.08 -26.87
N VAL B 218 17.24 -3.54 -25.67
CA VAL B 218 18.16 -4.12 -24.69
C VAL B 218 17.41 -5.18 -23.89
N PHE B 219 17.95 -6.40 -23.89
CA PHE B 219 17.36 -7.54 -23.19
C PHE B 219 18.30 -7.99 -22.09
N ASN B 220 17.92 -7.73 -20.85
CA ASN B 220 18.76 -8.05 -19.72
C ASN B 220 17.94 -8.76 -18.65
N SER B 221 18.64 -9.49 -17.79
CA SER B 221 18.08 -10.04 -16.58
C SER B 221 18.79 -9.38 -15.39
N LEU B 222 18.32 -9.66 -14.19
CA LEU B 222 18.80 -8.88 -13.07
C LEU B 222 18.70 -9.66 -11.76
N TYR B 223 19.74 -9.55 -10.93
CA TYR B 223 19.69 -10.08 -9.57
C TYR B 223 19.95 -8.93 -8.60
N PRO B 224 18.92 -8.41 -7.93
CA PRO B 224 19.12 -7.21 -7.11
C PRO B 224 19.70 -7.51 -5.73
N GLY B 225 19.82 -8.77 -5.37
CA GLY B 225 20.16 -9.19 -4.02
C GLY B 225 19.02 -9.97 -3.41
N CYS B 226 19.21 -10.34 -2.15
CA CYS B 226 18.19 -11.10 -1.43
C CYS B 226 17.25 -10.11 -0.77
N VAL B 227 16.05 -9.94 -1.33
CA VAL B 227 15.10 -8.95 -0.80
C VAL B 227 14.23 -9.71 0.20
N ALA B 228 14.83 -9.96 1.37
CA ALA B 228 14.27 -10.88 2.36
C ALA B 228 12.99 -10.37 3.00
N ASP B 229 12.60 -9.12 2.78
CA ASP B 229 11.41 -8.58 3.43
C ASP B 229 10.14 -8.74 2.60
N THR B 230 10.26 -9.12 1.32
CA THR B 230 9.11 -9.07 0.42
C THR B 230 8.14 -10.23 0.69
N PRO B 231 6.89 -10.06 0.28
CA PRO B 231 5.92 -11.17 0.39
C PRO B 231 6.22 -12.39 -0.48
N LEU B 232 7.38 -12.46 -1.13
CA LEU B 232 7.71 -13.67 -1.89
C LEU B 232 7.70 -14.91 -1.00
N PHE B 233 8.00 -14.76 0.29
CA PHE B 233 8.10 -15.86 1.22
C PHE B 233 6.80 -16.07 1.99
N ARG B 234 5.67 -15.59 1.45
CA ARG B 234 4.39 -15.70 2.13
C ARG B 234 3.97 -17.16 2.32
N HIS B 235 4.44 -18.06 1.47
CA HIS B 235 4.08 -19.46 1.55
C HIS B 235 5.08 -20.28 2.36
N HIS B 236 5.99 -19.60 3.04
CA HIS B 236 6.91 -20.25 3.97
C HIS B 236 6.36 -20.16 5.39
N PHE B 237 7.06 -20.81 6.31
CA PHE B 237 6.65 -20.78 7.70
C PHE B 237 6.72 -19.35 8.24
N PRO B 238 5.79 -18.94 9.10
CA PRO B 238 5.86 -17.59 9.67
C PRO B 238 7.17 -17.30 10.38
N LEU B 239 7.73 -18.30 11.06
CA LEU B 239 9.02 -18.14 11.72
C LEU B 239 10.12 -17.89 10.69
N PHE B 240 10.03 -18.54 9.54
CA PHE B 240 10.98 -18.28 8.46
C PHE B 240 10.86 -16.84 7.98
N GLN B 241 9.64 -16.37 7.75
CA GLN B 241 9.44 -15.01 7.28
C GLN B 241 9.96 -13.99 8.29
N LYS B 242 9.88 -14.33 9.58
CA LYS B 242 10.33 -13.41 10.62
C LYS B 242 11.85 -13.32 10.65
N LEU B 243 12.54 -14.45 10.49
CA LEU B 243 13.97 -14.53 10.78
C LEU B 243 14.85 -14.43 9.54
N PHE B 244 14.31 -14.71 8.35
CA PHE B 244 15.10 -14.63 7.13
C PHE B 244 15.76 -13.27 6.92
N PRO B 245 15.12 -12.13 7.21
CA PRO B 245 15.85 -10.85 7.12
C PRO B 245 17.07 -10.79 8.04
N LEU B 246 16.94 -11.22 9.30
CA LEU B 246 18.08 -11.21 10.21
C LEU B 246 19.19 -12.13 9.72
N PHE B 247 18.82 -13.33 9.27
CA PHE B 247 19.81 -14.27 8.74
C PHE B 247 20.54 -13.68 7.54
N GLN B 248 19.80 -13.13 6.59
CA GLN B 248 20.43 -12.58 5.40
C GLN B 248 21.25 -11.33 5.70
N LYS B 249 20.96 -10.65 6.80
CA LYS B 249 21.63 -9.42 7.20
C LYS B 249 22.90 -9.70 7.99
N LYS B 250 22.83 -10.60 8.97
CA LYS B 250 23.95 -10.79 9.88
C LYS B 250 24.84 -11.97 9.52
N ILE B 251 24.40 -12.88 8.66
CA ILE B 251 25.20 -14.08 8.41
C ILE B 251 25.71 -14.11 6.97
N THR B 252 24.79 -14.13 6.00
CA THR B 252 25.21 -14.20 4.61
C THR B 252 25.60 -12.84 4.05
N GLY B 253 25.07 -11.76 4.63
CA GLY B 253 25.33 -10.45 4.10
C GLY B 253 24.67 -10.14 2.77
N GLY B 254 23.82 -11.04 2.27
CA GLY B 254 23.17 -10.82 1.00
C GLY B 254 21.92 -9.97 1.07
N TYR B 255 21.56 -9.46 2.24
CA TYR B 255 20.32 -8.70 2.39
C TYR B 255 20.34 -7.40 1.61
N VAL B 256 19.23 -7.11 0.94
CA VAL B 256 18.97 -5.79 0.38
C VAL B 256 17.55 -5.38 0.75
N SER B 257 17.36 -4.09 0.96
CA SER B 257 16.04 -3.53 1.26
C SER B 257 15.15 -3.55 0.02
N GLN B 258 13.84 -3.43 0.25
CA GLN B 258 12.90 -3.33 -0.86
C GLN B 258 13.17 -2.09 -1.71
N GLU B 259 13.44 -0.95 -1.07
CA GLU B 259 13.69 0.27 -1.82
C GLU B 259 14.95 0.15 -2.68
N LEU B 260 15.99 -0.50 -2.15
CA LEU B 260 17.22 -0.64 -2.92
C LEU B 260 17.04 -1.60 -4.09
N ALA B 261 16.30 -2.70 -3.88
CA ALA B 261 16.02 -3.61 -4.97
C ALA B 261 15.15 -2.96 -6.05
N GLY B 262 14.10 -2.25 -5.62
CA GLY B 262 13.31 -1.48 -6.57
C GLY B 262 14.15 -0.45 -7.30
N GLU B 263 15.09 0.20 -6.60
CA GLU B 263 15.95 1.17 -7.25
C GLU B 263 16.86 0.50 -8.29
N ARG B 264 17.36 -0.70 -8.00
CA ARG B 264 18.23 -1.38 -8.96
C ARG B 264 17.46 -1.80 -10.20
N VAL B 265 16.19 -2.20 -10.05
CA VAL B 265 15.35 -2.43 -11.22
C VAL B 265 15.25 -1.15 -12.04
N ALA B 266 15.06 -0.02 -11.38
CA ALA B 266 14.96 1.25 -12.08
C ALA B 266 16.25 1.59 -12.81
N MET B 267 17.40 1.27 -12.20
CA MET B 267 18.67 1.48 -12.88
C MET B 267 18.76 0.68 -14.17
N VAL B 268 18.38 -0.60 -14.13
CA VAL B 268 18.49 -1.43 -15.32
C VAL B 268 17.52 -0.97 -16.39
N VAL B 269 16.40 -0.36 -15.99
CA VAL B 269 15.42 0.11 -16.96
C VAL B 269 15.89 1.42 -17.60
N ALA B 270 16.39 2.37 -16.79
CA ALA B 270 16.50 3.75 -17.20
C ALA B 270 17.93 4.30 -17.28
N ASP B 271 18.89 3.74 -16.54
CA ASP B 271 20.21 4.35 -16.46
C ASP B 271 21.08 3.98 -17.66
N PRO B 272 21.95 4.89 -18.10
CA PRO B 272 22.77 4.61 -19.29
C PRO B 272 23.88 3.59 -19.05
N GLU B 273 24.30 3.36 -17.80
CA GLU B 273 25.33 2.37 -17.53
C GLU B 273 24.86 0.93 -17.76
N PHE B 274 23.60 0.73 -18.15
CA PHE B 274 23.02 -0.60 -18.34
C PHE B 274 22.55 -0.79 -19.78
N ARG B 275 23.24 -0.13 -20.73
CA ARG B 275 22.81 -0.20 -22.12
C ARG B 275 23.27 -1.46 -22.82
N GLN B 276 24.22 -2.19 -22.25
CA GLN B 276 24.66 -3.44 -22.86
C GLN B 276 23.57 -4.50 -22.75
N SER B 277 23.31 -5.18 -23.85
CA SER B 277 22.24 -6.15 -23.95
C SER B 277 22.78 -7.57 -23.76
N GLY B 278 21.86 -8.50 -23.48
CA GLY B 278 22.23 -9.90 -23.33
C GLY B 278 22.95 -10.21 -22.05
N VAL B 279 22.69 -9.47 -20.98
CA VAL B 279 23.49 -9.52 -19.77
C VAL B 279 22.59 -9.81 -18.57
N HIS B 280 23.17 -10.46 -17.56
CA HIS B 280 22.56 -10.65 -16.25
C HIS B 280 23.31 -9.75 -15.27
N TRP B 281 22.63 -8.74 -14.73
CA TRP B 281 23.26 -7.78 -13.85
C TRP B 281 23.20 -8.22 -12.39
N SER B 282 24.28 -7.97 -11.66
CA SER B 282 24.33 -8.35 -10.26
C SER B 282 25.21 -7.38 -9.48
N TRP B 283 25.01 -7.37 -8.15
CA TRP B 283 25.81 -6.62 -7.22
C TRP B 283 26.51 -7.56 -6.24
N GLY B 284 26.57 -8.84 -6.58
CA GLY B 284 27.23 -9.86 -5.81
C GLY B 284 26.25 -10.73 -5.04
N ASN B 285 26.74 -11.90 -4.63
CA ASN B 285 25.99 -12.73 -3.69
C ASN B 285 25.97 -12.07 -2.32
N ARG B 286 27.15 -11.78 -1.79
CA ARG B 286 27.29 -10.93 -0.61
C ARG B 286 27.31 -9.48 -1.06
N GLN B 287 26.61 -8.62 -0.33
CA GLN B 287 26.51 -7.22 -0.74
C GLN B 287 27.66 -6.43 -0.14
N LYS B 288 28.19 -5.49 -0.93
CA LYS B 288 29.21 -4.56 -0.44
C LYS B 288 28.73 -3.14 -0.72
N GLU B 289 28.81 -2.28 0.29
CA GLU B 289 28.36 -0.90 0.16
C GLU B 289 29.18 -0.21 -0.92
N GLY B 290 28.49 0.47 -1.83
CA GLY B 290 29.14 1.22 -2.87
C GLY B 290 29.57 0.44 -4.09
N ARG B 291 29.46 -0.88 -4.09
CA ARG B 291 29.88 -1.67 -5.24
C ARG B 291 28.90 -1.47 -6.40
N LYS B 292 29.43 -1.23 -7.58
CA LYS B 292 28.63 -0.99 -8.77
C LYS B 292 28.29 -2.30 -9.47
N ALA B 293 27.23 -2.25 -10.29
CA ALA B 293 26.77 -3.47 -10.93
C ALA B 293 27.80 -3.96 -11.94
N PHE B 294 28.03 -5.26 -11.93
CA PHE B 294 28.89 -5.97 -12.87
C PHE B 294 28.06 -6.95 -13.69
N VAL B 295 28.70 -7.51 -14.72
CA VAL B 295 28.09 -8.52 -15.56
C VAL B 295 28.40 -9.88 -14.92
N GLN B 296 27.37 -10.67 -14.67
CA GLN B 296 27.52 -11.98 -14.04
C GLN B 296 27.52 -13.08 -15.09
N GLU B 297 28.56 -13.90 -15.07
CA GLU B 297 28.66 -15.02 -15.99
C GLU B 297 27.78 -16.16 -15.49
N LEU B 298 26.98 -16.71 -16.38
CA LEU B 298 25.98 -17.71 -16.04
C LEU B 298 26.58 -19.13 -16.05
N SER B 299 25.79 -20.07 -15.55
CA SER B 299 26.22 -21.46 -15.47
C SER B 299 26.17 -22.11 -16.85
N ALA B 300 26.66 -23.36 -16.90
CA ALA B 300 26.69 -24.09 -18.17
C ALA B 300 25.29 -24.28 -18.74
N GLU B 301 24.33 -24.70 -17.89
CA GLU B 301 22.97 -24.89 -18.36
C GLU B 301 22.35 -23.57 -18.81
N ALA B 302 22.57 -22.49 -18.06
CA ALA B 302 22.03 -21.20 -18.46
C ALA B 302 22.69 -20.69 -19.73
N SER B 303 23.91 -21.13 -20.01
CA SER B 303 24.66 -20.81 -21.23
C SER B 303 24.34 -21.76 -22.38
N ASP B 304 23.63 -22.86 -22.12
CA ASP B 304 23.35 -23.87 -23.14
C ASP B 304 22.42 -23.29 -24.20
N GLU B 305 23.00 -23.08 -25.38
CA GLU B 305 22.31 -22.45 -26.50
C GLU B 305 21.20 -23.35 -27.05
N GLN B 306 21.41 -24.68 -27.03
CA GLN B 306 20.38 -25.58 -27.55
C GLN B 306 19.19 -25.66 -26.60
N LYS B 307 19.44 -25.73 -25.29
CA LYS B 307 18.36 -25.73 -24.33
C LYS B 307 17.58 -24.41 -24.38
N ALA B 308 18.27 -23.29 -24.60
CA ALA B 308 17.61 -22.01 -24.71
C ALA B 308 16.68 -21.96 -25.93
N ARG B 309 17.14 -22.48 -27.06
CA ARG B 309 16.33 -22.44 -28.28
C ARG B 309 15.14 -23.37 -28.19
N ARG B 310 15.35 -24.58 -27.66
CA ARG B 310 14.24 -25.54 -27.52
C ARG B 310 13.22 -25.06 -26.50
N LEU B 311 13.68 -24.51 -25.39
CA LEU B 311 12.75 -23.91 -24.42
C LEU B 311 11.89 -22.86 -25.09
N TRP B 312 12.51 -21.97 -25.87
CA TRP B 312 11.75 -20.97 -26.59
C TRP B 312 10.68 -21.62 -27.47
N GLU B 313 11.09 -22.61 -28.28
CA GLU B 313 10.16 -23.25 -29.21
C GLU B 313 9.06 -23.98 -28.47
N LEU B 314 9.43 -24.73 -27.42
CA LEU B 314 8.43 -25.44 -26.63
C LEU B 314 7.51 -24.46 -25.91
N SER B 315 8.04 -23.31 -25.47
CA SER B 315 7.20 -22.34 -24.78
C SER B 315 6.18 -21.74 -25.74
N GLU B 316 6.60 -21.48 -26.99
CA GLU B 316 5.65 -21.02 -28.02
C GLU B 316 4.51 -22.01 -28.18
N LYS B 317 4.80 -23.31 -28.16
CA LYS B 317 3.74 -24.30 -28.27
C LYS B 317 2.84 -24.28 -27.05
N LEU B 318 3.42 -24.11 -25.86
CA LEU B 318 2.65 -24.18 -24.63
C LEU B 318 1.69 -23.00 -24.48
N VAL B 319 2.07 -21.82 -24.96
CA VAL B 319 1.24 -20.63 -24.79
C VAL B 319 0.38 -20.33 -26.01
N GLY B 320 0.48 -21.13 -27.07
CA GLY B 320 -0.34 -20.90 -28.24
C GLY B 320 0.27 -20.01 -29.29
N LEU B 321 1.60 -19.93 -29.36
CA LEU B 321 2.25 -19.21 -30.45
C LEU B 321 2.63 -20.22 -31.53
#